data_5DCF
#
_entry.id   5DCF
#
_cell.length_a   83.451
_cell.length_b   83.451
_cell.length_c   88.672
_cell.angle_alpha   90.000
_cell.angle_beta   90.000
_cell.angle_gamma   120.000
#
_symmetry.space_group_name_H-M   'P 65'
#
loop_
_entity.id
_entity.type
_entity.pdbx_description
1 polymer 'Tyrosine recombinase XerD,DNA translocase FtsK'
2 water water
#
_entity_poly.entity_id   1
_entity_poly.type   'polypeptide(L)'
_entity_poly.pdbx_seq_one_letter_code
;MKDLSEAQVERLLQAPLIDQPLELRDKAMLEVLYATGLRVSELVGLTMSDISLRQGVVRVIGKGNKERLVPLGEEAVYWL
ETYLEHGRPWLLNGVSIDVLFPSQRAQQMTRQTFWHRIKHYAVLAGIDSEKLSPHVLRHAFATHLLNHGADLRVVQMLLG
HSDLSTTQIYTHVATERLRQLHQQHHPRAGGGSEGGGSEGGSGSRTGAEELDPLFDQAVQFVTEKRKASISGVQRQFRIG
YNRAARIIEQMEAQGIVSEQGHNGNREVLAPPPFD
;
_entity_poly.pdbx_strand_id   A
#
# COMPACT_ATOMS: atom_id res chain seq x y z
N LYS A 2 10.30 13.21 -8.92
CA LYS A 2 10.39 13.52 -10.35
C LYS A 2 9.02 13.58 -11.01
N ASP A 3 8.19 14.56 -10.63
CA ASP A 3 8.54 15.54 -9.58
C ASP A 3 8.18 15.02 -8.19
N LEU A 4 7.70 13.78 -8.14
CA LEU A 4 7.20 13.19 -6.89
C LEU A 4 8.31 12.61 -6.05
N SER A 5 8.35 13.02 -4.79
CA SER A 5 9.29 12.50 -3.83
C SER A 5 8.73 11.28 -3.10
N GLU A 6 9.64 10.49 -2.55
CA GLU A 6 9.25 9.37 -1.73
C GLU A 6 8.33 9.84 -0.63
N ALA A 7 8.62 10.98 -0.02
CA ALA A 7 7.82 11.45 1.10
C ALA A 7 6.38 11.75 0.67
N GLN A 8 6.21 12.27 -0.54
CA GLN A 8 4.87 12.54 -1.04
C GLN A 8 4.11 11.24 -1.27
N VAL A 9 4.83 10.22 -1.75
CA VAL A 9 4.24 8.89 -1.95
C VAL A 9 3.72 8.32 -0.63
N GLU A 10 4.52 8.47 0.42
CA GLU A 10 4.15 7.88 1.69
C GLU A 10 2.96 8.60 2.28
N ARG A 11 2.95 9.93 2.23
CA ARG A 11 1.80 10.68 2.73
C ARG A 11 0.51 10.33 1.98
N LEU A 12 0.66 10.07 0.67
CA LEU A 12 -0.49 9.80 -0.15
C LEU A 12 -1.13 8.51 0.30
N LEU A 13 -0.31 7.48 0.42
CA LEU A 13 -0.80 6.20 0.91
C LEU A 13 -1.36 6.27 2.32
N GLN A 14 -0.88 7.20 3.12
CA GLN A 14 -1.33 7.32 4.51
C GLN A 14 -2.57 8.19 4.66
N ALA A 15 -2.93 8.95 3.62
CA ALA A 15 -3.96 10.00 3.74
C ALA A 15 -5.38 9.48 3.99
N PRO A 16 -5.73 8.30 3.46
CA PRO A 16 -7.09 7.83 3.65
C PRO A 16 -7.48 7.62 5.13
N LEU A 17 -8.74 7.98 5.44
CA LEU A 17 -9.30 7.95 6.79
C LEU A 17 -10.11 6.67 6.94
N ILE A 18 -9.57 5.70 7.65
CA ILE A 18 -10.03 4.35 7.49
C ILE A 18 -11.29 4.01 8.29
N ASP A 19 -11.79 4.93 9.14
CA ASP A 19 -13.13 4.75 9.72
C ASP A 19 -14.24 5.09 8.70
N GLN A 20 -13.90 5.66 7.54
CA GLN A 20 -14.87 5.87 6.45
C GLN A 20 -14.80 4.79 5.39
N PRO A 21 -15.87 3.99 5.25
CA PRO A 21 -15.86 2.87 4.31
C PRO A 21 -15.32 3.21 2.94
N LEU A 22 -15.72 4.37 2.47
CA LEU A 22 -15.28 4.93 1.22
C LEU A 22 -13.78 5.11 1.15
N GLU A 23 -13.19 5.68 2.20
CA GLU A 23 -11.75 5.91 2.16
C GLU A 23 -11.00 4.62 2.46
N LEU A 24 -11.62 3.71 3.21
CA LEU A 24 -11.00 2.42 3.48
C LEU A 24 -10.91 1.62 2.15
N ARG A 25 -11.95 1.73 1.33
CA ARG A 25 -11.91 1.25 -0.04
C ARG A 25 -10.72 1.87 -0.80
N ASP A 26 -10.62 3.19 -0.78
CA ASP A 26 -9.59 3.87 -1.51
C ASP A 26 -8.20 3.43 -1.00
N LYS A 27 -8.09 3.15 0.29
CA LYS A 27 -6.84 2.72 0.89
C LYS A 27 -6.39 1.39 0.30
N ALA A 28 -7.30 0.42 0.26
CA ALA A 28 -7.04 -0.86 -0.36
C ALA A 28 -6.66 -0.68 -1.86
N MET A 29 -7.44 0.14 -2.55
CA MET A 29 -7.18 0.46 -3.93
C MET A 29 -5.78 1.02 -4.15
N LEU A 30 -5.37 1.98 -3.32
CA LEU A 30 -4.08 2.57 -3.47
C LEU A 30 -2.99 1.53 -3.18
N GLU A 31 -3.20 0.67 -2.18
CA GLU A 31 -2.17 -0.31 -1.84
C GLU A 31 -2.02 -1.35 -2.94
N VAL A 32 -3.12 -1.72 -3.59
CA VAL A 32 -3.05 -2.64 -4.72
C VAL A 32 -2.30 -1.99 -5.90
N LEU A 33 -2.67 -0.76 -6.20
CA LEU A 33 -2.04 0.00 -7.27
C LEU A 33 -0.52 0.09 -7.07
N TYR A 34 -0.12 0.45 -5.85
CA TYR A 34 1.28 0.59 -5.49
C TYR A 34 2.10 -0.71 -5.68
N ALA A 35 1.54 -1.80 -5.18
CA ALA A 35 2.23 -3.09 -5.19
C ALA A 35 2.24 -3.76 -6.56
N THR A 36 1.22 -3.52 -7.37
CA THR A 36 1.02 -4.35 -8.54
C THR A 36 1.27 -3.61 -9.83
N GLY A 37 1.11 -2.29 -9.83
CA GLY A 37 1.39 -1.51 -11.01
C GLY A 37 0.28 -1.62 -12.03
N LEU A 38 -0.80 -2.29 -11.64
CA LEU A 38 -2.02 -2.35 -12.41
C LEU A 38 -2.40 -0.98 -12.96
N ARG A 39 -3.03 -0.92 -14.14
CA ARG A 39 -3.61 0.35 -14.63
C ARG A 39 -4.93 0.71 -13.90
N VAL A 40 -5.25 2.00 -13.81
CA VAL A 40 -6.43 2.40 -13.07
C VAL A 40 -7.66 1.72 -13.66
N SER A 41 -7.70 1.59 -14.99
CA SER A 41 -8.82 0.94 -15.67
C SER A 41 -8.93 -0.54 -15.27
N GLU A 42 -7.81 -1.22 -15.07
CA GLU A 42 -7.87 -2.59 -14.61
C GLU A 42 -8.27 -2.66 -13.11
N LEU A 43 -7.77 -1.72 -12.33
CA LEU A 43 -8.05 -1.68 -10.91
C LEU A 43 -9.56 -1.54 -10.62
N VAL A 44 -10.19 -0.55 -11.24
CA VAL A 44 -11.60 -0.27 -10.95
C VAL A 44 -12.49 -1.38 -11.49
N GLY A 45 -11.90 -2.26 -12.31
CA GLY A 45 -12.64 -3.34 -12.97
C GLY A 45 -12.48 -4.69 -12.29
N LEU A 46 -11.62 -4.77 -11.29
CA LEU A 46 -11.43 -6.04 -10.55
C LEU A 46 -12.74 -6.54 -9.97
N THR A 47 -12.90 -7.85 -9.97
CA THR A 47 -14.04 -8.52 -9.34
C THR A 47 -13.54 -9.24 -8.12
N MET A 48 -14.49 -9.71 -7.31
CA MET A 48 -14.18 -10.47 -6.12
C MET A 48 -13.42 -11.74 -6.44
N SER A 49 -13.71 -12.33 -7.58
CA SER A 49 -13.11 -13.59 -7.93
C SER A 49 -11.68 -13.40 -8.41
N ASP A 50 -11.23 -12.17 -8.62
CA ASP A 50 -9.84 -11.95 -9.09
C ASP A 50 -8.81 -11.95 -7.98
N ILE A 51 -9.28 -12.00 -6.74
CA ILE A 51 -8.42 -11.89 -5.57
C ILE A 51 -8.23 -13.25 -4.96
N SER A 52 -7.01 -13.55 -4.53
CA SER A 52 -6.81 -14.66 -3.62
C SER A 52 -5.90 -14.21 -2.50
N LEU A 53 -6.50 -13.90 -1.35
CA LEU A 53 -5.75 -13.44 -0.19
C LEU A 53 -4.88 -14.54 0.34
N ARG A 54 -5.40 -15.76 0.34
CA ARG A 54 -4.61 -16.92 0.76
C ARG A 54 -3.32 -17.05 -0.05
N GLN A 55 -3.44 -16.98 -1.37
CA GLN A 55 -2.28 -17.10 -2.26
C GLN A 55 -1.49 -15.80 -2.33
N GLY A 56 -2.13 -14.69 -2.03
CA GLY A 56 -1.42 -13.43 -2.08
C GLY A 56 -1.25 -12.91 -3.49
N VAL A 57 -2.24 -13.15 -4.34
CA VAL A 57 -2.16 -12.67 -5.74
C VAL A 57 -3.46 -12.15 -6.24
N VAL A 58 -3.38 -11.33 -7.27
CA VAL A 58 -4.55 -10.90 -7.99
C VAL A 58 -4.41 -11.39 -9.43
N ARG A 59 -5.52 -11.86 -9.98
CA ARG A 59 -5.62 -12.25 -11.39
C ARG A 59 -5.96 -11.03 -12.22
N VAL A 60 -5.09 -10.64 -13.16
CA VAL A 60 -5.44 -9.53 -14.03
C VAL A 60 -5.42 -9.96 -15.50
N ILE A 61 -6.52 -9.63 -16.17
CA ILE A 61 -6.66 -9.77 -17.61
C ILE A 61 -6.02 -8.55 -18.26
N GLY A 62 -4.85 -8.73 -18.85
CA GLY A 62 -4.07 -7.63 -19.40
C GLY A 62 -4.13 -7.59 -20.91
N LYS A 63 -2.96 -7.54 -21.56
CA LYS A 63 -2.87 -7.53 -23.01
C LYS A 63 -3.33 -8.87 -23.60
N GLY A 64 -3.95 -8.82 -24.78
CA GLY A 64 -4.45 -10.01 -25.45
C GLY A 64 -5.58 -10.65 -24.68
N ASN A 65 -6.09 -9.93 -23.68
CA ASN A 65 -7.10 -10.46 -22.76
C ASN A 65 -6.55 -11.69 -22.01
N LYS A 66 -5.22 -11.75 -21.86
CA LYS A 66 -4.55 -12.88 -21.21
C LYS A 66 -4.48 -12.75 -19.67
N GLU A 67 -4.94 -13.79 -18.99
CA GLU A 67 -4.92 -13.83 -17.53
C GLU A 67 -3.49 -14.04 -17.00
N ARG A 68 -3.05 -13.20 -16.06
CA ARG A 68 -1.82 -13.49 -15.37
C ARG A 68 -1.99 -13.19 -13.87
N LEU A 69 -1.12 -13.81 -13.06
CA LEU A 69 -1.14 -13.64 -11.61
C LEU A 69 -0.06 -12.67 -11.21
N VAL A 70 -0.46 -11.67 -10.42
CA VAL A 70 0.43 -10.64 -9.94
C VAL A 70 0.40 -10.68 -8.42
N PRO A 71 1.55 -10.95 -7.79
CA PRO A 71 1.62 -10.97 -6.32
C PRO A 71 1.20 -9.63 -5.70
N LEU A 72 0.42 -9.64 -4.62
CA LEU A 72 -0.10 -8.42 -4.02
C LEU A 72 0.83 -7.77 -2.99
N GLY A 73 1.61 -8.60 -2.30
CA GLY A 73 2.45 -8.16 -1.20
C GLY A 73 1.68 -8.15 0.11
N GLU A 74 2.38 -8.06 1.22
CA GLU A 74 1.77 -8.09 2.53
C GLU A 74 0.85 -6.89 2.86
N GLU A 75 1.22 -5.65 2.52
CA GLU A 75 0.37 -4.51 2.87
C GLU A 75 -0.96 -4.53 2.12
N ALA A 76 -0.91 -4.79 0.82
CA ALA A 76 -2.12 -4.86 0.05
C ALA A 76 -3.05 -5.98 0.57
N VAL A 77 -2.48 -7.09 1.01
CA VAL A 77 -3.29 -8.19 1.50
C VAL A 77 -3.98 -7.77 2.79
N TYR A 78 -3.23 -7.14 3.69
CA TYR A 78 -3.80 -6.70 4.93
C TYR A 78 -4.94 -5.70 4.68
N TRP A 79 -4.71 -4.69 3.83
CA TRP A 79 -5.70 -3.65 3.61
C TRP A 79 -6.87 -4.18 2.81
N LEU A 80 -6.66 -5.18 1.95
CA LEU A 80 -7.79 -5.81 1.27
C LEU A 80 -8.68 -6.54 2.24
N GLU A 81 -8.06 -7.34 3.11
CA GLU A 81 -8.81 -8.08 4.12
C GLU A 81 -9.64 -7.14 4.97
N THR A 82 -9.00 -6.06 5.38
CA THR A 82 -9.58 -5.11 6.29
C THR A 82 -10.76 -4.43 5.59
N TYR A 83 -10.54 -3.98 4.36
CA TYR A 83 -11.58 -3.42 3.54
C TYR A 83 -12.74 -4.36 3.28
N LEU A 84 -12.45 -5.62 3.03
CA LEU A 84 -13.53 -6.55 2.68
C LEU A 84 -14.40 -6.82 3.91
N GLU A 85 -13.77 -6.91 5.06
CA GLU A 85 -14.48 -7.22 6.28
C GLU A 85 -15.25 -6.01 6.77
N HIS A 86 -14.60 -4.85 6.74
CA HIS A 86 -15.07 -3.71 7.51
C HIS A 86 -15.53 -2.50 6.70
N GLY A 87 -15.27 -2.45 5.40
CA GLY A 87 -15.67 -1.32 4.58
C GLY A 87 -16.68 -1.68 3.49
N ARG A 88 -16.36 -2.66 2.66
CA ARG A 88 -17.19 -2.94 1.49
C ARG A 88 -18.70 -3.19 1.75
N PRO A 89 -19.05 -3.91 2.83
CA PRO A 89 -20.48 -4.12 3.11
C PRO A 89 -21.26 -2.82 3.22
N TRP A 90 -20.64 -1.80 3.79
CA TRP A 90 -21.26 -0.50 3.91
C TRP A 90 -21.42 0.25 2.59
N LEU A 91 -20.73 -0.20 1.55
CA LEU A 91 -20.86 0.41 0.23
C LEU A 91 -22.01 -0.21 -0.54
N LEU A 92 -22.37 -1.43 -0.18
CA LEU A 92 -23.45 -2.12 -0.85
C LEU A 92 -24.80 -1.78 -0.25
N ASN A 93 -24.85 -1.76 1.09
CA ASN A 93 -26.11 -1.77 1.83
C ASN A 93 -27.01 -2.87 1.26
N GLY A 94 -26.66 -4.13 1.49
CA GLY A 94 -27.50 -5.25 1.10
C GLY A 94 -27.34 -5.69 -0.34
N VAL A 95 -27.21 -4.73 -1.25
CA VAL A 95 -26.96 -5.00 -2.66
C VAL A 95 -25.92 -6.10 -2.85
N SER A 96 -26.11 -6.93 -3.87
CA SER A 96 -25.17 -8.01 -4.15
C SER A 96 -24.58 -7.86 -5.56
N ILE A 97 -23.26 -7.66 -5.63
CA ILE A 97 -22.55 -7.44 -6.88
C ILE A 97 -21.14 -8.03 -6.78
N ASP A 98 -20.50 -8.24 -7.92
CA ASP A 98 -19.21 -8.90 -7.91
C ASP A 98 -18.04 -7.93 -8.00
N VAL A 99 -18.35 -6.63 -8.11
CA VAL A 99 -17.34 -5.59 -8.26
C VAL A 99 -16.54 -5.43 -6.96
N LEU A 100 -15.22 -5.56 -7.05
CA LEU A 100 -14.38 -5.52 -5.85
C LEU A 100 -14.47 -4.14 -5.18
N PHE A 101 -14.36 -3.09 -5.99
CA PHE A 101 -14.32 -1.73 -5.47
C PHE A 101 -15.52 -0.90 -5.93
N PRO A 102 -16.70 -1.17 -5.37
CA PRO A 102 -17.85 -0.43 -5.87
C PRO A 102 -17.86 1.00 -5.41
N SER A 103 -18.60 1.82 -6.14
CA SER A 103 -18.81 3.20 -5.77
C SER A 103 -19.71 3.30 -4.56
N GLN A 104 -19.89 4.54 -4.11
CA GLN A 104 -20.69 4.85 -2.95
C GLN A 104 -22.08 4.22 -3.03
N ARG A 105 -22.55 4.04 -4.26
CA ARG A 105 -23.93 3.66 -4.54
C ARG A 105 -24.02 2.34 -5.30
N ALA A 106 -23.09 1.44 -5.00
CA ALA A 106 -23.06 0.07 -5.49
C ALA A 106 -22.80 -0.10 -6.99
N GLN A 107 -22.13 0.88 -7.61
CA GLN A 107 -21.76 0.75 -9.02
C GLN A 107 -20.25 0.67 -9.26
N GLN A 108 -19.85 0.07 -10.38
CA GLN A 108 -18.46 0.07 -10.78
C GLN A 108 -17.99 1.50 -10.99
N MET A 109 -16.83 1.86 -10.45
CA MET A 109 -16.29 3.20 -10.66
C MET A 109 -15.67 3.24 -12.05
N THR A 110 -15.43 4.44 -12.54
CA THR A 110 -14.63 4.63 -13.75
C THR A 110 -13.28 5.13 -13.37
N ARG A 111 -12.35 5.02 -14.31
CA ARG A 111 -11.01 5.53 -14.12
C ARG A 111 -11.04 6.99 -13.68
N GLN A 112 -11.96 7.76 -14.23
CA GLN A 112 -11.98 9.17 -13.94
C GLN A 112 -12.53 9.49 -12.55
N THR A 113 -13.53 8.74 -12.10
CA THR A 113 -14.05 8.99 -10.76
C THR A 113 -13.01 8.49 -9.74
N PHE A 114 -12.32 7.38 -10.00
CA PHE A 114 -11.27 7.03 -9.06
C PHE A 114 -10.18 8.07 -9.08
N TRP A 115 -9.88 8.61 -10.24
CA TRP A 115 -8.84 9.63 -10.31
C TRP A 115 -9.23 10.87 -9.49
N HIS A 116 -10.51 11.18 -9.42
CA HIS A 116 -10.96 12.28 -8.57
C HIS A 116 -10.61 12.02 -7.10
N ARG A 117 -10.77 10.77 -6.66
CA ARG A 117 -10.36 10.37 -5.32
C ARG A 117 -8.86 10.57 -5.11
N ILE A 118 -8.07 10.07 -6.06
CA ILE A 118 -6.63 10.19 -5.99
C ILE A 118 -6.20 11.65 -5.87
N LYS A 119 -6.87 12.56 -6.57
CA LYS A 119 -6.57 13.98 -6.45
C LYS A 119 -6.81 14.52 -5.02
N HIS A 120 -7.89 14.08 -4.40
CA HIS A 120 -8.21 14.49 -3.04
C HIS A 120 -7.09 14.15 -2.07
N TYR A 121 -6.59 12.92 -2.13
CA TYR A 121 -5.49 12.46 -1.25
C TYR A 121 -4.16 13.14 -1.60
N ALA A 122 -3.95 13.40 -2.89
CA ALA A 122 -2.75 14.08 -3.33
C ALA A 122 -2.66 15.49 -2.74
N VAL A 123 -3.78 16.16 -2.58
CA VAL A 123 -3.81 17.46 -1.94
C VAL A 123 -3.35 17.37 -0.48
N LEU A 124 -3.94 16.44 0.27
CA LEU A 124 -3.55 16.22 1.67
C LEU A 124 -2.08 15.88 1.77
N ALA A 125 -1.57 15.20 0.76
CA ALA A 125 -0.19 14.75 0.73
C ALA A 125 0.76 15.85 0.28
N GLY A 126 0.21 17.01 -0.08
CA GLY A 126 1.04 18.13 -0.50
C GLY A 126 1.58 17.94 -1.91
N ILE A 127 0.79 17.28 -2.75
CA ILE A 127 1.10 17.09 -4.17
C ILE A 127 0.26 18.03 -5.04
N ASP A 128 0.80 18.52 -6.14
CA ASP A 128 -0.02 19.28 -7.08
C ASP A 128 -0.98 18.34 -7.81
N SER A 129 -2.24 18.35 -7.37
CA SER A 129 -3.23 17.41 -7.87
C SER A 129 -3.61 17.69 -9.31
N GLU A 130 -3.43 18.92 -9.76
CA GLU A 130 -3.72 19.26 -11.15
C GLU A 130 -2.61 18.81 -12.11
N LYS A 131 -1.35 19.01 -11.77
CA LYS A 131 -0.25 18.53 -12.60
C LYS A 131 -0.14 17.01 -12.60
N LEU A 132 -0.57 16.36 -11.53
CA LEU A 132 -0.38 14.93 -11.41
C LEU A 132 -1.14 14.15 -12.49
N SER A 133 -0.47 13.13 -12.99
CA SER A 133 -0.99 12.28 -14.04
C SER A 133 -0.85 10.81 -13.61
N PRO A 134 -1.65 9.92 -14.21
CA PRO A 134 -1.52 8.52 -13.83
C PRO A 134 -0.13 7.92 -14.06
N HIS A 135 0.51 8.26 -15.18
CA HIS A 135 1.82 7.67 -15.49
C HIS A 135 2.91 8.18 -14.53
N VAL A 136 2.93 9.47 -14.17
CA VAL A 136 3.85 9.94 -13.13
C VAL A 136 3.60 9.27 -11.77
N LEU A 137 2.34 9.04 -11.44
CA LEU A 137 2.03 8.41 -10.17
C LEU A 137 2.52 6.97 -10.15
N ARG A 138 2.23 6.25 -11.23
CA ARG A 138 2.56 4.83 -11.29
C ARG A 138 4.06 4.65 -11.17
N HIS A 139 4.81 5.55 -11.81
CA HIS A 139 6.26 5.44 -11.85
C HIS A 139 6.88 5.81 -10.52
N ALA A 140 6.28 6.74 -9.80
CA ALA A 140 6.75 7.03 -8.44
C ALA A 140 6.43 5.86 -7.47
N PHE A 141 5.30 5.20 -7.66
CA PHE A 141 5.01 3.99 -6.88
C PHE A 141 6.07 2.94 -7.18
N ALA A 142 6.29 2.67 -8.47
CA ALA A 142 7.29 1.69 -8.92
C ALA A 142 8.65 1.92 -8.30
N THR A 143 9.09 3.16 -8.35
CA THR A 143 10.43 3.52 -7.92
C THR A 143 10.53 3.35 -6.43
N HIS A 144 9.48 3.76 -5.73
CA HIS A 144 9.47 3.63 -4.28
C HIS A 144 9.42 2.14 -3.89
N LEU A 145 8.58 1.38 -4.57
CA LEU A 145 8.47 -0.05 -4.24
C LEU A 145 9.84 -0.73 -4.43
N LEU A 146 10.45 -0.49 -5.58
CA LEU A 146 11.71 -1.12 -5.88
C LEU A 146 12.79 -0.74 -4.87
N ASN A 147 12.74 0.49 -4.37
CA ASN A 147 13.71 0.98 -3.40
C ASN A 147 13.45 0.58 -1.95
N HIS A 148 12.23 0.20 -1.61
CA HIS A 148 11.92 -0.12 -0.21
C HIS A 148 11.31 -1.50 0.03
N GLY A 149 10.86 -2.18 -1.02
CA GLY A 149 10.34 -3.53 -0.84
C GLY A 149 11.35 -4.44 -0.19
N ALA A 150 11.02 -5.01 0.97
CA ALA A 150 12.02 -5.73 1.76
C ALA A 150 12.49 -7.01 1.06
N ASP A 151 11.67 -7.54 0.17
CA ASP A 151 12.00 -8.75 -0.54
C ASP A 151 12.63 -8.48 -1.90
N LEU A 152 12.77 -7.20 -2.25
CA LEU A 152 13.16 -6.83 -3.60
C LEU A 152 14.58 -6.28 -3.68
N ARG A 153 15.35 -6.43 -2.61
CA ARG A 153 16.68 -5.84 -2.55
C ARG A 153 17.58 -6.37 -3.65
N VAL A 154 17.38 -7.61 -4.03
CA VAL A 154 18.17 -8.21 -5.09
C VAL A 154 17.81 -7.56 -6.42
N VAL A 155 16.53 -7.28 -6.66
CA VAL A 155 16.11 -6.62 -7.89
C VAL A 155 16.58 -5.15 -7.91
N GLN A 156 16.51 -4.51 -6.75
CA GLN A 156 17.00 -3.15 -6.58
C GLN A 156 18.48 -3.10 -6.99
N MET A 157 19.25 -4.05 -6.48
CA MET A 157 20.69 -4.07 -6.72
C MET A 157 21.01 -4.21 -8.21
N LEU A 158 20.32 -5.10 -8.91
CA LEU A 158 20.62 -5.30 -10.33
C LEU A 158 20.01 -4.23 -11.26
N LEU A 159 18.85 -3.68 -10.90
CA LEU A 159 18.08 -2.84 -11.84
C LEU A 159 17.69 -1.45 -11.34
N GLY A 160 17.91 -1.15 -10.06
CA GLY A 160 17.46 0.10 -9.48
C GLY A 160 18.02 1.35 -10.15
N HIS A 161 19.16 1.19 -10.82
CA HIS A 161 19.89 2.31 -11.42
C HIS A 161 19.74 2.34 -12.93
N SER A 162 19.03 1.37 -13.50
CA SER A 162 18.92 1.27 -14.96
C SER A 162 17.87 2.20 -15.56
N ASP A 163 17.12 2.87 -14.70
CA ASP A 163 16.02 3.75 -15.11
C ASP A 163 15.06 3.07 -16.08
N LEU A 164 14.58 1.90 -15.67
CA LEU A 164 13.65 1.16 -16.47
C LEU A 164 12.28 1.85 -16.49
N SER A 165 11.45 1.48 -17.46
CA SER A 165 10.08 1.95 -17.48
C SER A 165 9.29 1.38 -16.31
N THR A 166 8.19 2.04 -15.98
CA THR A 166 7.26 1.56 -14.99
C THR A 166 6.87 0.10 -15.18
N THR A 167 6.39 -0.24 -16.35
CA THR A 167 6.02 -1.61 -16.67
C THR A 167 7.15 -2.61 -16.45
N GLN A 168 8.34 -2.26 -16.92
CA GLN A 168 9.48 -3.13 -16.71
C GLN A 168 9.81 -3.32 -15.22
N ILE A 169 9.70 -2.27 -14.43
CA ILE A 169 9.96 -2.43 -13.01
C ILE A 169 8.93 -3.42 -12.43
N TYR A 170 7.67 -3.21 -12.75
CA TYR A 170 6.63 -4.06 -12.19
C TYR A 170 6.68 -5.49 -12.70
N THR A 171 7.14 -5.69 -13.93
CA THR A 171 7.35 -7.05 -14.45
C THR A 171 8.46 -7.75 -13.66
N HIS A 172 9.57 -7.07 -13.47
CA HIS A 172 10.65 -7.68 -12.69
C HIS A 172 10.23 -7.93 -11.24
N VAL A 173 9.42 -7.02 -10.68
CA VAL A 173 8.92 -7.20 -9.31
C VAL A 173 7.99 -8.43 -9.22
N ALA A 174 7.07 -8.55 -10.17
CA ALA A 174 6.13 -9.66 -10.18
C ALA A 174 6.89 -10.97 -10.35
N THR A 175 7.85 -10.99 -11.24
CA THR A 175 8.61 -12.22 -11.46
C THR A 175 9.28 -12.68 -10.17
N GLU A 176 9.97 -11.75 -9.51
CA GLU A 176 10.70 -12.12 -8.31
C GLU A 176 9.76 -12.52 -7.21
N ARG A 177 8.65 -11.82 -7.05
CA ARG A 177 7.72 -12.14 -5.97
C ARG A 177 6.98 -13.44 -6.24
N LEU A 178 6.73 -13.74 -7.50
CA LEU A 178 6.02 -14.97 -7.82
C LEU A 178 6.97 -16.15 -7.70
N ARG A 179 8.24 -15.90 -7.96
CA ARG A 179 9.24 -16.93 -7.74
C ARG A 179 9.25 -17.35 -6.27
N GLN A 180 9.12 -16.38 -5.37
CA GLN A 180 9.21 -16.66 -3.96
C GLN A 180 7.96 -17.38 -3.49
N LEU A 181 6.81 -17.00 -4.05
CA LEU A 181 5.55 -17.68 -3.71
C LEU A 181 5.57 -19.14 -4.15
N HIS A 182 6.16 -19.40 -5.30
CA HIS A 182 6.26 -20.75 -5.81
C HIS A 182 7.19 -21.61 -4.97
N GLN A 183 8.06 -20.98 -4.20
CA GLN A 183 8.84 -21.69 -3.18
C GLN A 183 8.04 -21.77 -1.89
N GLN A 184 7.24 -22.82 -1.78
CA GLN A 184 6.47 -23.12 -0.58
C GLN A 184 5.61 -21.94 -0.13
N ASP A 212 6.60 13.08 16.06
CA ASP A 212 5.51 12.34 15.43
C ASP A 212 4.30 12.29 16.38
N PRO A 213 3.08 12.48 15.86
CA PRO A 213 1.88 12.44 16.72
C PRO A 213 1.64 11.09 17.41
N LEU A 214 2.15 10.01 16.82
CA LEU A 214 1.96 8.67 17.37
C LEU A 214 3.07 8.28 18.36
N PHE A 215 4.00 9.21 18.58
CA PHE A 215 5.20 8.90 19.37
C PHE A 215 4.84 8.47 20.80
N ASP A 216 4.00 9.26 21.48
CA ASP A 216 3.61 8.92 22.85
C ASP A 216 2.84 7.59 22.89
N GLN A 217 1.97 7.37 21.91
CA GLN A 217 1.29 6.08 21.79
C GLN A 217 2.31 4.97 21.58
N ALA A 218 3.26 5.21 20.67
CA ALA A 218 4.31 4.24 20.34
C ALA A 218 5.18 3.90 21.56
N VAL A 219 5.60 4.91 22.31
CA VAL A 219 6.40 4.68 23.51
C VAL A 219 5.68 3.73 24.47
N GLN A 220 4.36 3.88 24.61
CA GLN A 220 3.60 3.08 25.58
C GLN A 220 3.41 1.66 25.04
N PHE A 221 3.36 1.55 23.72
CA PHE A 221 3.28 0.24 23.09
C PHE A 221 4.57 -0.55 23.30
N VAL A 222 5.71 0.08 22.97
CA VAL A 222 6.98 -0.63 23.01
C VAL A 222 7.35 -0.95 24.47
N THR A 223 7.20 0.00 25.39
CA THR A 223 7.48 -0.24 26.82
C THR A 223 6.54 -1.29 27.44
N GLU A 224 5.37 -1.48 26.84
CA GLU A 224 4.42 -2.52 27.26
C GLU A 224 4.74 -3.87 26.61
N LYS A 225 4.79 -3.90 25.27
CA LYS A 225 5.05 -5.14 24.52
C LYS A 225 6.49 -5.64 24.70
N ARG A 226 7.37 -4.73 25.12
CA ARG A 226 8.78 -5.01 25.42
C ARG A 226 9.65 -5.30 24.18
N LYS A 227 9.04 -5.82 23.11
CA LYS A 227 9.74 -5.98 21.85
C LYS A 227 9.65 -4.67 21.09
N ALA A 228 10.81 -4.16 20.66
CA ALA A 228 10.86 -2.96 19.84
C ALA A 228 11.25 -3.35 18.42
N SER A 229 10.26 -3.39 17.53
CA SER A 229 10.45 -3.80 16.13
C SER A 229 9.77 -2.80 15.19
N ILE A 230 10.43 -2.48 14.07
CA ILE A 230 9.82 -1.61 13.08
C ILE A 230 8.53 -2.26 12.58
N SER A 231 8.55 -3.59 12.42
CA SER A 231 7.40 -4.33 11.89
C SER A 231 6.17 -4.25 12.81
N GLY A 232 6.41 -4.37 14.12
CA GLY A 232 5.35 -4.34 15.11
C GLY A 232 4.71 -2.97 15.30
N VAL A 233 5.55 -1.93 15.32
CA VAL A 233 5.07 -0.54 15.36
C VAL A 233 4.26 -0.24 14.09
N GLN A 234 4.69 -0.84 12.98
CA GLN A 234 4.04 -0.65 11.70
C GLN A 234 2.65 -1.22 11.72
N ARG A 235 2.52 -2.48 12.12
CA ARG A 235 1.23 -3.16 12.10
C ARG A 235 0.35 -2.74 13.28
N GLN A 236 0.96 -2.26 14.36
CA GLN A 236 0.20 -1.84 15.53
C GLN A 236 -0.58 -0.57 15.25
N PHE A 237 0.03 0.40 14.59
CA PHE A 237 -0.66 1.65 14.25
C PHE A 237 -1.02 1.76 12.76
N ARG A 238 -0.87 0.67 12.01
CA ARG A 238 -1.20 0.64 10.57
C ARG A 238 -0.62 1.83 9.80
N ILE A 239 0.68 2.06 9.95
CA ILE A 239 1.36 3.14 9.25
C ILE A 239 2.40 2.52 8.32
N GLY A 240 3.05 3.33 7.49
CA GLY A 240 4.05 2.83 6.56
C GLY A 240 5.34 2.41 7.27
N TYR A 241 6.14 1.57 6.60
CA TYR A 241 7.37 1.03 7.17
C TYR A 241 8.35 2.14 7.58
N ASN A 242 8.54 3.14 6.70
CA ASN A 242 9.53 4.20 6.96
C ASN A 242 9.13 5.15 8.08
N ARG A 243 7.82 5.31 8.28
CA ARG A 243 7.32 6.12 9.38
C ARG A 243 7.53 5.37 10.72
N ALA A 244 7.24 4.07 10.73
CA ALA A 244 7.49 3.22 11.89
C ALA A 244 8.97 3.26 12.25
N ALA A 245 9.82 3.25 11.22
CA ALA A 245 11.27 3.25 11.38
C ALA A 245 11.76 4.57 11.99
N ARG A 246 11.19 5.68 11.52
CA ARG A 246 11.57 7.00 12.03
C ARG A 246 10.96 7.27 13.41
N ILE A 247 10.07 6.38 13.84
CA ILE A 247 9.51 6.42 15.19
C ILE A 247 10.39 5.61 16.15
N ILE A 248 10.99 4.51 15.71
CA ILE A 248 11.95 3.80 16.55
C ILE A 248 13.28 4.57 16.62
N GLU A 249 13.45 5.53 15.71
CA GLU A 249 14.65 6.36 15.67
C GLU A 249 14.50 7.58 16.58
N GLN A 250 13.31 8.15 16.63
CA GLN A 250 13.05 9.25 17.55
C GLN A 250 13.08 8.74 19.00
N MET A 251 12.96 7.43 19.15
CA MET A 251 13.02 6.79 20.46
C MET A 251 14.44 6.54 20.94
N GLU A 252 15.31 6.10 20.04
CA GLU A 252 16.71 5.86 20.40
C GLU A 252 17.36 7.19 20.78
N ALA A 253 16.87 8.27 20.18
CA ALA A 253 17.33 9.62 20.48
C ALA A 253 16.92 10.05 21.89
N GLN A 254 15.66 9.81 22.24
CA GLN A 254 15.07 10.27 23.51
C GLN A 254 15.40 9.35 24.70
N GLY A 255 16.10 8.26 24.42
CA GLY A 255 16.67 7.40 25.44
C GLY A 255 15.87 6.16 25.79
N ILE A 256 14.84 5.86 24.99
CA ILE A 256 13.84 4.85 25.35
C ILE A 256 14.21 3.40 24.95
N VAL A 257 14.74 3.17 23.75
CA VAL A 257 14.96 1.79 23.28
C VAL A 257 16.40 1.33 23.11
N SER A 258 16.55 0.01 23.21
CA SER A 258 17.78 -0.70 22.90
C SER A 258 18.11 -0.57 21.41
N GLU A 259 19.40 -0.64 21.09
CA GLU A 259 19.88 -0.41 19.72
C GLU A 259 19.89 -1.70 18.90
N GLN A 260 19.67 -1.57 17.60
CA GLN A 260 19.46 -2.73 16.73
C GLN A 260 20.62 -3.73 16.77
N GLY A 261 21.85 -3.22 16.71
CA GLY A 261 23.04 -4.07 16.76
C GLY A 261 23.20 -4.94 15.52
N LEU A 269 14.87 0.31 26.97
CA LEU A 269 15.67 0.75 28.10
C LEU A 269 14.83 1.46 29.15
N ALA A 270 13.66 1.95 28.75
CA ALA A 270 12.74 2.65 29.65
C ALA A 270 11.92 1.67 30.50
N PRO A 271 11.60 2.06 31.76
CA PRO A 271 10.77 1.19 32.62
C PRO A 271 9.32 1.03 32.11
N PRO A 272 8.70 -0.12 32.42
CA PRO A 272 7.32 -0.39 31.97
C PRO A 272 6.27 0.40 32.75
N PRO A 273 5.21 0.86 32.06
CA PRO A 273 4.14 1.57 32.76
C PRO A 273 3.30 0.63 33.64
N PHE A 274 2.38 1.16 34.41
CA PHE A 274 1.60 0.36 35.36
C PHE A 274 2.55 -0.30 36.37
#